data_9NPI
#
_entry.id   9NPI
#
_cell.length_a   54.528
_cell.length_b   73.950
_cell.length_c   77.275
_cell.angle_alpha   90.000
_cell.angle_beta   99.588
_cell.angle_gamma   90.000
#
_symmetry.space_group_name_H-M   'P 1 21 1'
#
loop_
_entity.id
_entity.type
_entity.pdbx_description
1 polymer 'Human IgE 12F3 heavy chain'
2 polymer 'Human IgE 12F3 light chain'
3 polymer 'Major allergen Can f 1'
4 non-polymer 'CHLORIDE ION'
5 water water
#
loop_
_entity_poly.entity_id
_entity_poly.type
_entity_poly.pdbx_seq_one_letter_code
_entity_poly.pdbx_strand_id
1 'polypeptide(L)'
;QVQLVQSGAEVQKPGSSVKVSCKASGGTFSRYPLIWVRQTPGQGLEWMGGIFPVIGRTNYAEKFQGRVTITADESTSTAY
MELNSLTSEDTAVYYCARLDTYEILGYGTDVWGQGTTVTVSSASTKGPSVFPLAPSSKSTSGGTAALGCLVKDYFPEPVT
VSWNSGALTSGVHTFPAVLQSSGLYSLSSVVTVPSSSLGTQTYICNVNHKPSNTKVDKKVEPKSC
;
C
2 'polypeptide(L)'
;EIVLTQSPATLSLSPGERATLSCRASESVSSSVAWYQQKFGQAPRLLIYDASNRATGIPARFSGSGSGTDFTLTISSLEP
EDFAVYYCQLRSNWPPLTFGGGTKVQIKRTVAAPSVFIFPPSDEQLKSGTASVVCLLNNFYPREAKVQWKVDNALQSGNS
QESVTEQDSKDSTYSLSSTLTLSKADYEKHKVYACEVTHQGLSSPVTKSFNRGEC
;
B
3 'polypeptide(L)'
;QDTPALGKDTVAVSGKWYLKAMTADQEVPEKPDSVTPMILKAQKGGNLEAKITMLTNGQCQNITVVLHKTSEPGKYTAYE
GQRVVFIQPSPVRDHYILYCEGELHGRQIRMAKLLGRDPEQSQEALEDFREFSRAKGLNQEILELAQSETCSPGGQ
;
A
#
loop_
_chem_comp.id
_chem_comp.type
_chem_comp.name
_chem_comp.formula
CL non-polymer 'CHLORIDE ION' 'Cl -1'
#
# COMPACT_ATOMS: atom_id res chain seq x y z
N GLN A 1 10.50 -13.98 -17.78
CA GLN A 1 9.55 -13.53 -16.73
C GLN A 1 10.18 -13.85 -15.36
N VAL A 2 10.45 -12.80 -14.59
CA VAL A 2 11.08 -13.01 -13.25
C VAL A 2 9.99 -13.20 -12.21
N GLN A 3 10.20 -14.12 -11.28
CA GLN A 3 9.23 -14.30 -10.18
C GLN A 3 9.97 -14.16 -8.84
N LEU A 4 9.33 -13.54 -7.87
CA LEU A 4 9.86 -13.46 -6.52
C LEU A 4 8.98 -14.30 -5.61
N VAL A 5 9.61 -15.26 -4.90
CA VAL A 5 8.93 -16.11 -3.95
C VAL A 5 9.49 -15.89 -2.54
N GLN A 6 8.61 -15.49 -1.63
CA GLN A 6 8.98 -15.19 -0.26
C GLN A 6 8.75 -16.43 0.60
N SER A 7 9.51 -16.52 1.70
CA SER A 7 9.26 -17.45 2.78
C SER A 7 7.87 -17.25 3.37
N GLY A 8 7.38 -18.28 4.08
CA GLY A 8 6.02 -18.30 4.59
C GLY A 8 5.82 -17.49 5.87
N ALA A 9 4.55 -17.46 6.30
CA ALA A 9 4.05 -16.77 7.48
C ALA A 9 4.92 -17.10 8.71
N GLU A 10 5.22 -16.09 9.53
CA GLU A 10 6.02 -16.26 10.74
C GLU A 10 5.25 -15.77 11.97
N VAL A 11 5.40 -16.49 13.10
CA VAL A 11 4.97 -16.00 14.40
C VAL A 11 6.24 -15.80 15.22
N GLN A 12 6.46 -14.58 15.73
CA GLN A 12 7.62 -14.29 16.55
C GLN A 12 7.21 -13.62 17.86
N LYS A 13 7.97 -13.91 18.94
CA LYS A 13 7.72 -13.33 20.26
C LYS A 13 8.19 -11.89 20.29
N PRO A 14 7.56 -10.98 21.08
CA PRO A 14 8.07 -9.63 21.25
C PRO A 14 9.50 -9.75 21.75
N GLY A 15 10.39 -8.96 21.15
CA GLY A 15 11.80 -8.92 21.51
C GLY A 15 12.69 -9.72 20.56
N SER A 16 12.11 -10.70 19.83
CA SER A 16 12.88 -11.52 18.92
C SER A 16 13.07 -10.77 17.59
N SER A 17 13.79 -11.40 16.66
CA SER A 17 13.90 -10.94 15.29
C SER A 17 13.30 -11.96 14.32
N VAL A 18 12.94 -11.45 13.14
CA VAL A 18 12.44 -12.23 12.03
C VAL A 18 13.31 -11.93 10.80
N LYS A 19 13.64 -12.98 10.05
CA LYS A 19 14.38 -12.86 8.81
C LYS A 19 13.56 -13.44 7.67
N VAL A 20 13.07 -12.59 6.77
CA VAL A 20 12.20 -13.00 5.68
C VAL A 20 13.05 -13.07 4.41
N SER A 21 12.83 -14.13 3.61
CA SER A 21 13.58 -14.32 2.39
C SER A 21 12.70 -14.04 1.17
N CYS A 22 13.39 -13.76 0.05
CA CYS A 22 12.81 -13.39 -1.21
C CYS A 22 13.70 -13.94 -2.33
N LYS A 23 13.26 -15.05 -2.93
CA LYS A 23 14.09 -15.74 -3.94
C LYS A 23 13.63 -15.38 -5.36
N ALA A 24 14.57 -14.96 -6.17
CA ALA A 24 14.28 -14.61 -7.56
C ALA A 24 14.50 -15.84 -8.43
N SER A 25 13.57 -16.12 -9.34
CA SER A 25 13.79 -17.08 -10.41
C SER A 25 13.42 -16.47 -11.76
N GLY A 26 14.18 -16.88 -12.80
CA GLY A 26 13.98 -16.36 -14.14
C GLY A 26 14.76 -15.07 -14.38
N GLY A 27 15.60 -14.71 -13.40
CA GLY A 27 16.30 -13.43 -13.42
C GLY A 27 16.98 -13.14 -12.08
N THR A 28 17.66 -12.00 -11.99
CA THR A 28 18.42 -11.63 -10.80
C THR A 28 18.11 -10.18 -10.44
N PHE A 29 18.80 -9.66 -9.41
CA PHE A 29 18.57 -8.29 -8.99
C PHE A 29 19.75 -7.39 -9.32
N SER A 30 20.76 -7.91 -10.03
CA SER A 30 22.02 -7.19 -10.14
C SER A 30 21.87 -5.78 -10.75
N ARG A 31 20.90 -5.57 -11.62
CA ARG A 31 20.79 -4.24 -12.26
C ARG A 31 19.53 -3.50 -11.75
N TYR A 32 18.77 -4.11 -10.84
CA TYR A 32 17.47 -3.52 -10.46
C TYR A 32 17.32 -3.30 -8.96
N PRO A 33 16.66 -2.20 -8.55
CA PRO A 33 16.40 -1.96 -7.15
C PRO A 33 15.60 -3.10 -6.56
N LEU A 34 16.06 -3.66 -5.44
CA LEU A 34 15.29 -4.71 -4.73
C LEU A 34 14.81 -4.05 -3.44
N ILE A 35 13.51 -3.94 -3.25
CA ILE A 35 13.02 -3.15 -2.09
C ILE A 35 12.12 -3.98 -1.16
N TRP A 36 11.97 -3.50 0.06
CA TRP A 36 11.05 -4.14 1.03
C TRP A 36 10.01 -3.10 1.43
N VAL A 37 8.76 -3.53 1.54
CA VAL A 37 7.60 -2.70 1.79
C VAL A 37 6.76 -3.44 2.82
N ARG A 38 6.19 -2.74 3.79
CA ARG A 38 5.28 -3.42 4.69
C ARG A 38 3.95 -2.69 4.74
N GLN A 39 2.99 -3.44 5.25
CA GLN A 39 1.64 -2.89 5.45
C GLN A 39 1.04 -3.51 6.71
N THR A 40 0.79 -2.69 7.73
CA THR A 40 0.16 -3.19 8.97
C THR A 40 -1.32 -3.38 8.69
N PRO A 41 -2.01 -4.34 9.33
CA PRO A 41 -3.39 -4.65 8.96
C PRO A 41 -4.34 -3.45 8.89
N GLY A 42 -5.01 -3.31 7.75
CA GLY A 42 -5.97 -2.20 7.54
C GLY A 42 -5.29 -0.86 7.37
N GLN A 43 -3.96 -0.83 7.28
CA GLN A 43 -3.22 0.45 7.21
C GLN A 43 -2.55 0.64 5.83
N GLY A 44 -1.59 1.56 5.73
CA GLY A 44 -0.99 1.87 4.42
C GLY A 44 0.34 1.22 4.13
N LEU A 45 0.83 1.44 2.92
CA LEU A 45 2.09 0.91 2.47
C LEU A 45 3.23 1.79 2.98
N GLU A 46 4.29 1.15 3.50
CA GLU A 46 5.47 1.85 3.94
C GLU A 46 6.71 1.23 3.32
N TRP A 47 7.51 2.07 2.67
CA TRP A 47 8.80 1.63 2.13
C TRP A 47 9.78 1.48 3.29
N MET A 48 10.49 0.35 3.37
CA MET A 48 11.38 0.10 4.50
C MET A 48 12.83 0.38 4.11
N GLY A 49 13.18 0.01 2.88
CA GLY A 49 14.52 0.18 2.36
C GLY A 49 14.74 -0.64 1.10
N GLY A 50 15.98 -0.62 0.58
CA GLY A 50 16.26 -1.42 -0.59
C GLY A 50 17.74 -1.47 -0.93
N ILE A 51 18.06 -2.40 -1.83
CA ILE A 51 19.35 -2.48 -2.46
C ILE A 51 19.28 -1.75 -3.79
N PHE A 52 20.18 -0.76 -3.97
CA PHE A 52 20.20 0.15 -5.10
C PHE A 52 21.53 0.01 -5.85
N PRO A 53 21.58 -0.90 -6.85
CA PRO A 53 22.84 -1.22 -7.53
C PRO A 53 23.48 -0.01 -8.19
N VAL A 54 22.67 0.95 -8.65
CA VAL A 54 23.24 2.09 -9.38
C VAL A 54 24.20 2.88 -8.48
N ILE A 55 23.95 2.91 -7.16
CA ILE A 55 24.82 3.64 -6.24
C ILE A 55 25.63 2.69 -5.37
N GLY A 56 25.45 1.38 -5.54
CA GLY A 56 26.25 0.35 -4.88
C GLY A 56 26.01 0.31 -3.38
N ARG A 57 24.77 0.55 -2.95
CA ARG A 57 24.45 0.77 -1.56
C ARG A 57 23.07 0.23 -1.25
N THR A 58 22.88 -0.09 0.03
CA THR A 58 21.59 -0.41 0.60
C THR A 58 21.16 0.76 1.46
N ASN A 59 19.91 1.22 1.26
CA ASN A 59 19.41 2.41 1.94
C ASN A 59 18.09 2.07 2.61
N TYR A 60 17.82 2.79 3.70
CA TYR A 60 16.69 2.52 4.56
C TYR A 60 15.90 3.81 4.77
N ALA A 61 14.58 3.69 4.94
CA ALA A 61 13.75 4.79 5.43
C ALA A 61 14.12 5.14 6.87
N GLU A 62 13.96 6.42 7.24
CA GLU A 62 14.32 6.87 8.57
C GLU A 62 13.66 6.02 9.65
N LYS A 63 12.37 5.73 9.46
CA LYS A 63 11.56 5.05 10.47
C LYS A 63 12.22 3.72 10.87
N PHE A 64 12.88 3.05 9.91
CA PHE A 64 13.39 1.71 10.14
C PHE A 64 14.92 1.71 10.27
N GLN A 65 15.56 2.87 10.07
CA GLN A 65 17.02 2.92 10.13
C GLN A 65 17.47 2.45 11.52
N GLY A 66 18.34 1.43 11.52
CA GLY A 66 18.93 0.94 12.74
C GLY A 66 18.18 -0.26 13.31
N ARG A 67 17.05 -0.66 12.71
CA ARG A 67 16.32 -1.80 13.22
C ARG A 67 16.06 -2.87 12.15
N VAL A 68 16.29 -2.54 10.87
CA VAL A 68 16.10 -3.44 9.76
C VAL A 68 17.43 -3.61 9.06
N THR A 69 17.74 -4.84 8.61
CA THR A 69 18.91 -5.11 7.80
C THR A 69 18.46 -5.82 6.52
N ILE A 70 18.83 -5.25 5.37
CA ILE A 70 18.51 -5.84 4.08
C ILE A 70 19.80 -6.29 3.41
N THR A 71 19.80 -7.54 2.91
CA THR A 71 20.97 -8.17 2.32
C THR A 71 20.54 -8.98 1.09
N ALA A 72 21.51 -9.34 0.26
CA ALA A 72 21.24 -10.29 -0.82
C ALA A 72 22.44 -11.21 -1.01
N ASP A 73 22.17 -12.39 -1.56
CA ASP A 73 23.19 -13.38 -1.84
C ASP A 73 23.06 -13.72 -3.32
N GLU A 74 24.03 -13.22 -4.10
CA GLU A 74 24.17 -13.45 -5.53
C GLU A 74 24.03 -14.91 -5.91
N SER A 75 24.81 -15.78 -5.26
CA SER A 75 24.85 -17.22 -5.66
C SER A 75 23.48 -17.88 -5.56
N THR A 76 22.62 -17.43 -4.64
CA THR A 76 21.32 -18.09 -4.41
C THR A 76 20.19 -17.21 -4.93
N SER A 77 20.53 -16.10 -5.58
CA SER A 77 19.52 -15.18 -6.13
C SER A 77 18.47 -14.88 -5.03
N THR A 78 18.92 -14.67 -3.80
CA THR A 78 17.99 -14.48 -2.66
C THR A 78 18.28 -13.20 -1.88
N ALA A 79 17.25 -12.42 -1.60
CA ALA A 79 17.32 -11.19 -0.83
C ALA A 79 16.61 -11.44 0.49
N TYR A 80 17.01 -10.69 1.51
CA TYR A 80 16.54 -10.94 2.85
C TYR A 80 16.26 -9.60 3.53
N MET A 81 15.28 -9.66 4.44
CA MET A 81 14.93 -8.57 5.33
C MET A 81 14.90 -9.13 6.74
N GLU A 82 15.76 -8.55 7.61
CA GLU A 82 15.76 -8.90 9.01
C GLU A 82 15.31 -7.71 9.85
N LEU A 83 14.28 -7.92 10.68
CA LEU A 83 13.72 -6.87 11.52
C LEU A 83 13.94 -7.29 12.96
N ASN A 84 14.67 -6.48 13.74
CA ASN A 84 15.00 -6.78 15.13
C ASN A 84 14.06 -6.11 16.12
N SER A 85 14.10 -6.60 17.36
CA SER A 85 13.42 -5.95 18.47
C SER A 85 11.93 -5.84 18.18
N LEU A 86 11.32 -6.95 17.75
CA LEU A 86 9.94 -6.91 17.32
C LEU A 86 9.04 -6.50 18.49
N THR A 87 8.04 -5.66 18.18
CA THR A 87 6.91 -5.36 19.04
C THR A 87 5.62 -5.64 18.27
N SER A 88 4.48 -5.55 18.94
CA SER A 88 3.25 -6.01 18.33
C SER A 88 2.93 -5.18 17.09
N GLU A 89 3.45 -3.96 17.05
CA GLU A 89 3.18 -3.04 15.96
C GLU A 89 4.00 -3.39 14.72
N ASP A 90 4.89 -4.39 14.80
CA ASP A 90 5.54 -4.87 13.59
C ASP A 90 4.74 -5.99 12.96
N THR A 91 3.60 -6.35 13.57
CA THR A 91 2.69 -7.27 12.94
C THR A 91 2.21 -6.63 11.64
N ALA A 92 2.49 -7.29 10.53
CA ALA A 92 2.29 -6.69 9.22
C ALA A 92 2.46 -7.74 8.13
N VAL A 93 2.10 -7.33 6.89
CA VAL A 93 2.50 -8.04 5.70
C VAL A 93 3.73 -7.33 5.12
N TYR A 94 4.80 -8.11 4.90
CA TYR A 94 6.03 -7.65 4.30
C TYR A 94 6.14 -8.17 2.86
N TYR A 95 6.47 -7.26 1.95
CA TYR A 95 6.65 -7.59 0.55
C TYR A 95 8.06 -7.23 0.08
N CYS A 96 8.62 -8.08 -0.78
CA CYS A 96 9.76 -7.67 -1.60
C CYS A 96 9.27 -7.31 -3.00
N ALA A 97 10.05 -6.46 -3.71
CA ALA A 97 9.72 -6.12 -5.08
C ALA A 97 10.99 -5.75 -5.82
N ARG A 98 11.10 -6.22 -7.07
CA ARG A 98 12.11 -5.78 -8.01
C ARG A 98 11.53 -4.74 -8.94
N LEU A 99 12.14 -3.56 -8.97
CA LEU A 99 11.64 -2.46 -9.77
C LEU A 99 12.35 -2.43 -11.13
N ASP A 100 11.52 -2.40 -12.18
CA ASP A 100 12.00 -2.34 -13.57
C ASP A 100 12.39 -0.91 -13.96
N THR A 101 13.52 -0.42 -13.42
CA THR A 101 13.90 0.97 -13.58
C THR A 101 15.21 1.13 -14.36
N TYR A 102 15.86 0.03 -14.75
CA TYR A 102 17.22 0.09 -15.32
C TYR A 102 17.22 0.79 -16.68
N GLU A 103 16.31 0.44 -17.59
CA GLU A 103 16.24 1.03 -18.91
CA GLU A 103 16.29 1.05 -18.91
C GLU A 103 15.91 2.52 -18.76
N ILE A 104 16.43 3.35 -19.64
CA ILE A 104 16.04 4.74 -19.63
C ILE A 104 14.53 4.86 -19.82
N LEU A 105 13.95 4.02 -20.68
CA LEU A 105 12.50 3.94 -20.82
C LEU A 105 12.16 2.48 -20.99
N GLY A 106 11.28 1.96 -20.12
CA GLY A 106 10.86 0.57 -20.20
C GLY A 106 9.34 0.44 -20.07
N TYR A 107 8.89 -0.77 -19.74
CA TYR A 107 7.49 -1.17 -19.85
C TYR A 107 6.84 -1.29 -18.47
N GLY A 108 7.60 -0.91 -17.42
CA GLY A 108 7.10 -0.94 -16.05
C GLY A 108 6.84 -2.35 -15.54
N THR A 109 7.73 -3.30 -15.87
CA THR A 109 7.48 -4.70 -15.51
C THR A 109 8.03 -5.00 -14.12
N ASP A 110 7.43 -4.36 -13.12
CA ASP A 110 7.81 -4.54 -11.72
C ASP A 110 7.33 -5.90 -11.29
N VAL A 111 8.07 -6.53 -10.40
CA VAL A 111 7.68 -7.85 -9.92
C VAL A 111 7.64 -7.78 -8.40
N TRP A 112 6.50 -8.16 -7.82
CA TRP A 112 6.34 -8.24 -6.37
C TRP A 112 6.31 -9.70 -5.92
N GLY A 113 6.92 -10.00 -4.77
CA GLY A 113 6.65 -11.25 -4.08
C GLY A 113 5.19 -11.29 -3.58
N GLN A 114 4.81 -12.45 -3.01
CA GLN A 114 3.43 -12.73 -2.65
C GLN A 114 3.11 -12.14 -1.28
N GLY A 115 4.15 -11.65 -0.58
CA GLY A 115 3.90 -11.19 0.79
C GLY A 115 4.13 -12.30 1.81
N THR A 116 4.63 -11.85 2.97
CA THR A 116 4.84 -12.68 4.14
C THR A 116 4.17 -12.01 5.34
N THR A 117 3.24 -12.71 5.96
CA THR A 117 2.63 -12.23 7.19
C THR A 117 3.56 -12.53 8.36
N VAL A 118 3.89 -11.49 9.12
CA VAL A 118 4.58 -11.65 10.39
C VAL A 118 3.66 -11.19 11.52
N THR A 119 3.44 -12.11 12.47
CA THR A 119 2.59 -11.85 13.62
C THR A 119 3.46 -11.92 14.86
N VAL A 120 3.44 -10.83 15.63
CA VAL A 120 4.26 -10.72 16.81
C VAL A 120 3.38 -11.03 18.01
N SER A 121 3.60 -12.20 18.59
CA SER A 121 2.81 -12.66 19.71
C SER A 121 3.57 -13.73 20.47
N SER A 122 3.36 -13.75 21.78
CA SER A 122 3.88 -14.80 22.63
C SER A 122 3.01 -16.05 22.65
N ALA A 123 1.86 -16.04 21.95
CA ALA A 123 0.86 -17.09 22.14
C ALA A 123 1.14 -18.34 21.32
N SER A 124 0.53 -19.45 21.76
CA SER A 124 0.51 -20.70 21.03
C SER A 124 -0.85 -20.86 20.36
N THR A 125 -0.92 -21.82 19.44
CA THR A 125 -2.17 -22.11 18.74
C THR A 125 -3.23 -22.39 19.78
N LYS A 126 -4.39 -21.75 19.64
CA LYS A 126 -5.44 -21.88 20.64
C LYS A 126 -6.78 -21.59 19.98
N GLY A 127 -7.75 -22.49 20.22
CA GLY A 127 -9.11 -22.33 19.73
C GLY A 127 -9.87 -21.28 20.53
N PRO A 128 -10.93 -20.67 19.96
CA PRO A 128 -11.68 -19.61 20.63
C PRO A 128 -12.69 -20.08 21.67
N SER A 129 -12.98 -19.18 22.62
CA SER A 129 -14.23 -19.23 23.36
C SER A 129 -15.24 -18.33 22.66
N VAL A 130 -16.54 -18.68 22.68
CA VAL A 130 -17.57 -17.83 22.04
C VAL A 130 -18.65 -17.50 23.07
N PHE A 131 -18.91 -16.21 23.25
CA PHE A 131 -19.85 -15.73 24.25
C PHE A 131 -20.99 -15.01 23.52
N PRO A 132 -22.23 -15.07 24.05
CA PRO A 132 -23.35 -14.41 23.41
C PRO A 132 -23.31 -12.89 23.58
N LEU A 133 -23.70 -12.17 22.52
CA LEU A 133 -24.08 -10.78 22.66
C LEU A 133 -25.61 -10.74 22.56
N ALA A 134 -26.25 -10.78 23.73
CA ALA A 134 -27.65 -11.10 23.78
C ALA A 134 -28.49 -9.90 23.35
N PRO A 135 -29.61 -10.13 22.60
CA PRO A 135 -30.49 -9.04 22.21
C PRO A 135 -31.13 -8.39 23.44
N SER A 136 -31.17 -7.06 23.42
CA SER A 136 -31.74 -6.33 24.57
C SER A 136 -33.25 -6.51 24.66
N SER A 137 -33.80 -6.38 25.86
CA SER A 137 -35.28 -6.42 26.04
C SER A 137 -35.90 -5.28 25.23
N LYS A 138 -35.24 -4.13 25.20
CA LYS A 138 -35.76 -2.95 24.47
C LYS A 138 -35.58 -3.15 22.97
N SER A 141 -37.67 -0.03 18.31
CA SER A 141 -36.36 0.27 17.66
C SER A 141 -36.44 -0.06 16.16
N GLY A 142 -37.52 0.46 15.53
CA GLY A 142 -37.91 0.14 14.16
C GLY A 142 -38.26 -1.35 13.97
N GLY A 143 -38.56 -2.05 15.07
CA GLY A 143 -38.94 -3.45 15.01
C GLY A 143 -37.73 -4.36 14.85
N THR A 144 -36.54 -3.86 15.16
CA THR A 144 -35.36 -4.65 14.90
C THR A 144 -34.53 -4.77 16.16
N ALA A 145 -33.81 -5.88 16.27
CA ALA A 145 -32.92 -6.12 17.41
C ALA A 145 -31.50 -6.47 16.92
N ALA A 146 -30.46 -6.08 17.67
CA ALA A 146 -29.10 -6.46 17.35
C ALA A 146 -28.70 -7.57 18.30
N LEU A 147 -28.08 -8.63 17.76
CA LEU A 147 -27.47 -9.65 18.59
C LEU A 147 -26.18 -10.12 17.93
N GLY A 148 -25.38 -10.88 18.67
CA GLY A 148 -24.13 -11.33 18.10
C GLY A 148 -23.37 -12.37 18.90
N CYS A 149 -22.14 -12.68 18.45
CA CYS A 149 -21.20 -13.52 19.16
C CYS A 149 -19.85 -12.83 19.27
N LEU A 150 -19.28 -12.96 20.47
CA LEU A 150 -17.91 -12.47 20.74
C LEU A 150 -16.99 -13.71 20.65
N VAL A 151 -16.08 -13.71 19.69
CA VAL A 151 -15.14 -14.84 19.47
C VAL A 151 -13.82 -14.42 20.13
N LYS A 152 -13.53 -14.96 21.31
CA LYS A 152 -12.44 -14.42 22.15
C LYS A 152 -11.32 -15.46 22.30
N ASP A 153 -10.08 -14.96 22.29
CA ASP A 153 -8.89 -15.66 22.84
C ASP A 153 -8.52 -16.84 21.92
N TYR A 154 -8.34 -16.55 20.64
CA TYR A 154 -7.82 -17.55 19.66
C TYR A 154 -6.51 -17.07 19.04
N PHE A 155 -5.76 -18.03 18.50
CA PHE A 155 -4.47 -17.75 17.82
C PHE A 155 -4.11 -19.00 16.99
N PRO A 156 -3.58 -18.84 15.76
CA PRO A 156 -3.55 -17.55 15.10
C PRO A 156 -4.80 -17.27 14.31
N GLU A 157 -4.73 -16.23 13.47
CA GLU A 157 -5.77 -15.98 12.43
C GLU A 157 -5.76 -17.15 11.44
N PRO A 158 -6.87 -17.46 10.72
CA PRO A 158 -8.15 -16.80 10.91
C PRO A 158 -9.21 -17.65 11.61
N VAL A 159 -10.34 -17.02 11.93
CA VAL A 159 -11.60 -17.76 12.22
C VAL A 159 -12.60 -17.45 11.09
N THR A 160 -13.59 -18.32 10.93
CA THR A 160 -14.74 -18.03 10.08
C THR A 160 -15.97 -18.01 10.98
N VAL A 161 -16.94 -17.14 10.65
CA VAL A 161 -18.21 -17.10 11.35
C VAL A 161 -19.34 -17.11 10.32
N SER A 162 -20.30 -18.00 10.54
CA SER A 162 -21.58 -17.92 9.87
C SER A 162 -22.70 -17.83 10.90
N TRP A 163 -23.92 -17.64 10.41
CA TRP A 163 -25.11 -17.63 11.22
C TRP A 163 -26.11 -18.62 10.65
N ASN A 164 -26.66 -19.47 11.52
CA ASN A 164 -27.69 -20.42 11.13
C ASN A 164 -27.22 -21.24 9.92
N SER A 165 -25.96 -21.71 10.00
CA SER A 165 -25.37 -22.59 9.01
C SER A 165 -25.30 -21.91 7.66
N GLY A 166 -25.24 -20.57 7.64
CA GLY A 166 -25.16 -19.82 6.39
C GLY A 166 -26.52 -19.40 5.82
N ALA A 167 -27.62 -19.82 6.45
CA ALA A 167 -28.94 -19.44 5.98
C ALA A 167 -29.25 -18.00 6.32
N LEU A 168 -28.55 -17.44 7.33
CA LEU A 168 -28.73 -16.05 7.74
C LEU A 168 -27.51 -15.22 7.34
N THR A 169 -27.72 -14.33 6.37
CA THR A 169 -26.64 -13.54 5.81
C THR A 169 -26.99 -12.07 5.81
N SER A 170 -28.28 -11.75 5.69
CA SER A 170 -28.75 -10.38 5.64
C SER A 170 -28.50 -9.70 6.99
N GLY A 171 -27.89 -8.53 6.94
CA GLY A 171 -27.64 -7.72 8.12
C GLY A 171 -26.45 -8.15 8.96
N VAL A 172 -25.68 -9.15 8.52
CA VAL A 172 -24.54 -9.65 9.31
C VAL A 172 -23.36 -8.71 9.14
N HIS A 173 -22.69 -8.37 10.25
CA HIS A 173 -21.39 -7.72 10.18
C HIS A 173 -20.43 -8.49 11.06
N THR A 174 -19.39 -9.02 10.41
CA THR A 174 -18.29 -9.67 11.10
C THR A 174 -17.05 -8.80 11.01
N PHE A 175 -16.60 -8.34 12.18
CA PHE A 175 -15.59 -7.31 12.29
C PHE A 175 -14.21 -7.95 12.12
N PRO A 176 -13.22 -7.18 11.64
CA PRO A 176 -11.82 -7.61 11.67
C PRO A 176 -11.42 -7.91 13.11
N ALA A 177 -10.53 -8.88 13.28
CA ALA A 177 -10.02 -9.25 14.59
C ALA A 177 -9.09 -8.17 15.10
N VAL A 178 -8.99 -8.08 16.42
CA VAL A 178 -8.01 -7.28 17.11
CA VAL A 178 -7.99 -7.28 17.10
C VAL A 178 -7.05 -8.22 17.85
N LEU A 179 -5.76 -7.92 17.77
CA LEU A 179 -4.76 -8.61 18.55
C LEU A 179 -4.69 -7.92 19.91
N GLN A 180 -5.07 -8.63 20.97
CA GLN A 180 -5.06 -8.13 22.32
C GLN A 180 -3.65 -8.17 22.89
N SER A 181 -3.44 -7.55 24.06
CA SER A 181 -2.12 -7.46 24.65
C SER A 181 -1.64 -8.84 25.09
N SER A 182 -2.57 -9.78 25.27
CA SER A 182 -2.23 -11.15 25.62
C SER A 182 -1.59 -11.91 24.47
N GLY A 183 -1.65 -11.35 23.26
CA GLY A 183 -1.12 -12.05 22.09
C GLY A 183 -2.17 -12.90 21.41
N LEU A 184 -3.41 -12.86 21.92
CA LEU A 184 -4.53 -13.60 21.38
C LEU A 184 -5.48 -12.65 20.66
N TYR A 185 -6.24 -13.21 19.72
CA TYR A 185 -7.18 -12.41 18.96
C TYR A 185 -8.57 -12.45 19.59
N SER A 186 -9.37 -11.46 19.17
CA SER A 186 -10.79 -11.40 19.57
C SER A 186 -11.52 -10.74 18.40
N LEU A 187 -12.72 -11.20 18.10
CA LEU A 187 -13.52 -10.48 17.08
C LEU A 187 -14.99 -10.65 17.44
N SER A 188 -15.81 -9.74 16.92
CA SER A 188 -17.26 -9.87 17.13
C SER A 188 -17.99 -10.00 15.79
N SER A 189 -19.06 -10.78 15.79
CA SER A 189 -19.94 -10.90 14.64
C SER A 189 -21.33 -10.55 15.14
N VAL A 190 -22.02 -9.64 14.44
CA VAL A 190 -23.34 -9.19 14.86
C VAL A 190 -24.30 -9.32 13.68
N VAL A 191 -25.59 -9.26 14.01
CA VAL A 191 -26.63 -9.30 13.01
C VAL A 191 -27.84 -8.57 13.58
N THR A 192 -28.60 -7.91 12.71
CA THR A 192 -29.83 -7.28 13.11
C THR A 192 -30.98 -8.11 12.55
N VAL A 193 -32.00 -8.35 13.38
CA VAL A 193 -33.09 -9.24 13.02
C VAL A 193 -34.39 -8.61 13.50
N PRO A 194 -35.55 -9.10 13.02
CA PRO A 194 -36.83 -8.62 13.51
C PRO A 194 -37.03 -8.99 14.98
N SER A 195 -37.40 -8.03 15.79
CA SER A 195 -37.59 -8.27 17.21
C SER A 195 -38.80 -9.19 17.44
N SER A 196 -39.76 -9.20 16.50
CA SER A 196 -40.89 -10.12 16.59
C SER A 196 -40.43 -11.58 16.48
N SER A 197 -39.26 -11.80 15.87
CA SER A 197 -38.71 -13.14 15.64
C SER A 197 -38.07 -13.74 16.90
N LEU A 198 -37.81 -12.95 17.95
CA LEU A 198 -36.87 -13.32 19.00
C LEU A 198 -37.39 -14.47 19.84
N GLY A 199 -38.71 -14.52 20.07
CA GLY A 199 -39.28 -15.68 20.71
C GLY A 199 -39.01 -16.97 19.94
N THR A 200 -39.22 -16.93 18.62
CA THR A 200 -39.53 -18.11 17.84
C THR A 200 -38.31 -18.63 17.07
N GLN A 201 -37.57 -17.74 16.39
CA GLN A 201 -36.47 -18.12 15.53
C GLN A 201 -35.19 -18.29 16.35
N THR A 202 -34.51 -19.45 16.22
CA THR A 202 -33.20 -19.62 16.85
C THR A 202 -32.12 -18.90 16.05
N TYR A 203 -31.14 -18.31 16.78
CA TYR A 203 -29.96 -17.68 16.19
C TYR A 203 -28.71 -18.34 16.77
N ILE A 204 -27.95 -18.98 15.90
CA ILE A 204 -26.72 -19.71 16.34
C ILE A 204 -25.53 -19.23 15.48
N CYS A 205 -24.46 -18.81 16.12
CA CYS A 205 -23.23 -18.44 15.36
C CYS A 205 -22.37 -19.70 15.20
N ASN A 206 -21.90 -19.96 13.99
CA ASN A 206 -21.05 -21.13 13.69
C ASN A 206 -19.62 -20.63 13.51
N VAL A 207 -18.76 -20.98 14.46
CA VAL A 207 -17.35 -20.49 14.44
C VAL A 207 -16.42 -21.66 14.10
N ASN A 208 -15.48 -21.39 13.21
CA ASN A 208 -14.50 -22.42 12.78
C ASN A 208 -13.10 -21.81 12.93
N HIS A 209 -12.23 -22.51 13.63
CA HIS A 209 -10.84 -22.10 13.74
C HIS A 209 -10.00 -23.27 13.23
N LYS A 210 -9.70 -23.27 11.94
CA LYS A 210 -9.01 -24.38 11.30
C LYS A 210 -7.64 -24.64 11.94
N PRO A 211 -6.85 -23.61 12.36
CA PRO A 211 -5.52 -23.90 12.88
C PRO A 211 -5.53 -24.89 14.05
N SER A 212 -6.59 -24.86 14.86
CA SER A 212 -6.73 -25.74 16.00
C SER A 212 -7.70 -26.89 15.72
N ASN A 213 -8.22 -26.96 14.49
CA ASN A 213 -9.28 -27.88 14.14
C ASN A 213 -10.45 -27.77 15.13
N THR A 214 -10.76 -26.56 15.60
CA THR A 214 -11.87 -26.43 16.54
C THR A 214 -13.10 -25.81 15.87
N LYS A 215 -14.25 -26.09 16.51
CA LYS A 215 -15.53 -25.55 16.11
C LYS A 215 -16.31 -25.19 17.36
N VAL A 216 -17.01 -24.04 17.31
CA VAL A 216 -17.97 -23.65 18.35
C VAL A 216 -19.26 -23.21 17.66
N ASP A 217 -20.40 -23.65 18.19
CA ASP A 217 -21.69 -23.14 17.78
C ASP A 217 -22.38 -22.60 19.04
N LYS A 218 -22.79 -21.33 19.02
CA LYS A 218 -23.37 -20.72 20.19
C LYS A 218 -24.76 -20.20 19.86
N LYS A 219 -25.75 -20.66 20.62
CA LYS A 219 -27.10 -20.15 20.55
C LYS A 219 -27.12 -18.79 21.24
N VAL A 220 -27.73 -17.80 20.60
CA VAL A 220 -27.83 -16.47 21.19
C VAL A 220 -29.32 -16.17 21.40
N GLU A 221 -29.70 -15.91 22.65
CA GLU A 221 -31.11 -15.66 22.94
C GLU A 221 -31.25 -14.54 23.97
N PRO A 222 -32.45 -13.93 24.10
CA PRO A 222 -32.70 -12.94 25.14
C PRO A 222 -32.36 -13.56 26.49
N LYS A 223 -31.76 -12.79 27.39
CA LYS A 223 -31.36 -13.31 28.69
C LYS A 223 -32.61 -13.37 29.57
N SER A 224 -32.68 -14.37 30.45
CA SER A 224 -33.87 -14.62 31.25
C SER A 224 -34.28 -13.37 32.04
N GLU B 1 14.75 13.68 3.99
CA GLU B 1 13.70 12.76 3.48
C GLU B 1 12.81 13.46 2.44
N ILE B 2 12.08 12.68 1.65
CA ILE B 2 11.10 13.25 0.75
C ILE B 2 9.74 12.66 1.14
N VAL B 3 8.74 13.54 1.30
CA VAL B 3 7.41 13.12 1.72
C VAL B 3 6.46 13.32 0.53
N LEU B 4 5.54 12.37 0.34
CA LEU B 4 4.50 12.51 -0.67
C LEU B 4 3.16 12.68 0.03
N THR B 5 2.44 13.77 -0.29
CA THR B 5 1.20 14.09 0.37
C THR B 5 0.05 13.76 -0.58
N GLN B 6 -0.92 12.98 -0.10
CA GLN B 6 -2.10 12.70 -0.90
C GLN B 6 -3.30 13.34 -0.21
N SER B 7 -3.82 14.40 -0.83
CA SER B 7 -4.84 15.23 -0.23
C SER B 7 -5.81 15.68 -1.31
N PRO B 8 -7.14 15.58 -1.08
CA PRO B 8 -7.72 14.94 0.09
C PRO B 8 -7.41 13.45 0.15
N ALA B 9 -7.50 12.91 1.38
CA ALA B 9 -7.18 11.53 1.69
C ALA B 9 -8.39 10.62 1.51
N THR B 10 -9.56 11.24 1.31
CA THR B 10 -10.79 10.54 0.98
C THR B 10 -11.53 11.30 -0.11
N LEU B 11 -12.10 10.58 -1.06
CA LEU B 11 -12.98 11.10 -2.11
C LEU B 11 -14.23 10.22 -2.12
N SER B 12 -15.41 10.84 -2.15
CA SER B 12 -16.64 10.09 -2.15
C SER B 12 -17.41 10.39 -3.43
N LEU B 13 -17.52 9.37 -4.30
CA LEU B 13 -18.02 9.55 -5.65
C LEU B 13 -18.92 8.36 -6.00
N SER B 14 -19.10 8.12 -7.30
CA SER B 14 -20.05 7.14 -7.79
C SER B 14 -19.65 6.76 -9.20
N PRO B 15 -20.07 5.56 -9.68
CA PRO B 15 -19.82 5.18 -11.05
C PRO B 15 -20.33 6.32 -11.93
N GLY B 16 -19.55 6.68 -12.96
CA GLY B 16 -19.93 7.77 -13.86
C GLY B 16 -19.20 9.10 -13.62
N GLU B 17 -18.64 9.25 -12.42
CA GLU B 17 -17.98 10.50 -12.03
C GLU B 17 -16.50 10.41 -12.35
N ARG B 18 -15.91 11.57 -12.63
CA ARG B 18 -14.46 11.67 -12.79
C ARG B 18 -13.83 11.66 -11.41
N ALA B 19 -12.68 11.02 -11.28
CA ALA B 19 -11.91 11.07 -10.05
C ALA B 19 -10.54 11.68 -10.37
N THR B 20 -10.15 12.72 -9.63
CA THR B 20 -8.88 13.40 -9.77
C THR B 20 -8.18 13.29 -8.42
N LEU B 21 -7.09 12.52 -8.39
CA LEU B 21 -6.35 12.27 -7.16
C LEU B 21 -5.01 13.01 -7.25
N SER B 22 -4.63 13.59 -6.11
CA SER B 22 -3.46 14.43 -6.04
C SER B 22 -2.37 13.77 -5.21
N CYS B 23 -1.12 14.00 -5.63
CA CYS B 23 0.08 13.57 -4.93
C CYS B 23 1.12 14.67 -5.07
N ARG B 24 1.54 15.26 -3.94
CA ARG B 24 2.47 16.38 -3.98
C ARG B 24 3.74 15.95 -3.25
N ALA B 25 4.87 16.02 -3.96
CA ALA B 25 6.18 15.75 -3.38
C ALA B 25 6.67 16.99 -2.64
N SER B 26 7.42 16.78 -1.55
CA SER B 26 7.89 17.87 -0.71
C SER B 26 9.03 18.63 -1.38
N GLU B 27 9.62 18.02 -2.43
CA GLU B 27 10.56 18.71 -3.31
C GLU B 27 10.54 18.02 -4.67
N SER B 28 11.20 18.62 -5.67
CA SER B 28 11.08 18.15 -7.04
C SER B 28 11.63 16.74 -7.15
N VAL B 29 10.92 15.88 -7.89
CA VAL B 29 11.33 14.50 -8.11
C VAL B 29 11.16 14.14 -9.60
N SER B 30 11.13 15.15 -10.51
CA SER B 30 11.03 14.94 -11.95
CA SER B 30 11.06 14.89 -11.94
C SER B 30 9.80 14.08 -12.25
N SER B 31 9.98 12.93 -12.94
CA SER B 31 8.89 12.06 -13.35
C SER B 31 8.89 10.75 -12.57
N SER B 32 9.50 10.68 -11.40
CA SER B 32 9.75 9.39 -10.76
C SER B 32 8.63 9.00 -9.80
N VAL B 33 7.42 8.87 -10.33
CA VAL B 33 6.25 8.63 -9.52
C VAL B 33 5.45 7.46 -10.11
N ALA B 34 5.05 6.55 -9.23
CA ALA B 34 4.13 5.48 -9.58
C ALA B 34 2.82 5.63 -8.81
N TRP B 35 1.75 5.09 -9.38
CA TRP B 35 0.47 4.97 -8.71
C TRP B 35 0.07 3.51 -8.62
N TYR B 36 -0.51 3.15 -7.46
CA TYR B 36 -1.05 1.82 -7.20
C TYR B 36 -2.51 1.91 -6.79
N GLN B 37 -3.25 0.87 -7.15
CA GLN B 37 -4.57 0.60 -6.60
C GLN B 37 -4.44 -0.50 -5.54
N GLN B 38 -5.20 -0.43 -4.45
CA GLN B 38 -5.28 -1.55 -3.51
C GLN B 38 -6.68 -1.65 -2.92
N LYS B 39 -7.26 -2.83 -3.10
CA LYS B 39 -8.49 -3.20 -2.43
C LYS B 39 -8.16 -3.95 -1.14
N PHE B 40 -9.12 -3.87 -0.22
CA PHE B 40 -9.01 -4.45 1.10
C PHE B 40 -8.57 -5.91 1.02
N GLY B 41 -7.51 -6.27 1.75
CA GLY B 41 -7.03 -7.65 1.79
C GLY B 41 -6.31 -8.15 0.54
N GLN B 42 -6.07 -7.30 -0.46
CA GLN B 42 -5.41 -7.72 -1.69
C GLN B 42 -4.04 -7.07 -1.79
N ALA B 43 -3.24 -7.56 -2.74
CA ALA B 43 -1.90 -7.04 -2.98
C ALA B 43 -2.03 -5.73 -3.75
N PRO B 44 -1.09 -4.78 -3.61
CA PRO B 44 -1.12 -3.56 -4.42
C PRO B 44 -0.95 -3.88 -5.91
N ARG B 45 -1.63 -3.09 -6.75
CA ARG B 45 -1.65 -3.27 -8.20
C ARG B 45 -1.09 -2.00 -8.85
N LEU B 46 -0.01 -2.14 -9.61
CA LEU B 46 0.63 -1.00 -10.27
C LEU B 46 -0.28 -0.48 -11.40
N LEU B 47 -0.55 0.82 -11.40
CA LEU B 47 -1.35 1.45 -12.45
C LEU B 47 -0.46 2.23 -13.42
N ILE B 48 0.39 3.08 -12.85
CA ILE B 48 1.17 4.10 -13.55
C ILE B 48 2.61 4.05 -13.02
N TYR B 49 3.57 4.21 -13.94
CA TYR B 49 4.97 4.39 -13.61
C TYR B 49 5.52 5.56 -14.43
N ASP B 50 6.61 6.17 -13.95
CA ASP B 50 7.22 7.32 -14.66
C ASP B 50 6.20 8.47 -14.79
N ALA B 51 5.26 8.58 -13.84
CA ALA B 51 4.26 9.67 -13.76
C ALA B 51 3.13 9.54 -14.80
N SER B 52 3.43 9.06 -16.00
CA SER B 52 2.45 9.13 -17.11
C SER B 52 2.29 7.82 -17.90
N ASN B 53 3.04 6.78 -17.57
CA ASN B 53 2.99 5.52 -18.36
C ASN B 53 2.10 4.47 -17.69
N ARG B 54 1.12 3.95 -18.42
CA ARG B 54 0.27 2.89 -17.91
CA ARG B 54 0.28 2.89 -17.90
C ARG B 54 1.08 1.59 -17.87
N ALA B 55 0.92 0.83 -16.79
CA ALA B 55 1.41 -0.53 -16.75
C ALA B 55 0.59 -1.37 -17.73
N THR B 56 1.10 -2.55 -18.03
CA THR B 56 0.44 -3.43 -18.99
C THR B 56 -0.95 -3.85 -18.48
N GLY B 57 -1.91 -3.84 -19.42
CA GLY B 57 -3.26 -4.27 -19.15
C GLY B 57 -4.13 -3.21 -18.48
N ILE B 58 -3.54 -2.11 -17.97
CA ILE B 58 -4.33 -1.13 -17.27
C ILE B 58 -5.28 -0.44 -18.24
N PRO B 59 -6.57 -0.33 -17.92
CA PRO B 59 -7.53 0.34 -18.80
C PRO B 59 -7.21 1.83 -19.04
N ALA B 60 -7.66 2.33 -20.20
CA ALA B 60 -7.38 3.68 -20.64
C ALA B 60 -8.02 4.75 -19.75
N ARG B 61 -9.08 4.41 -19.00
CA ARG B 61 -9.68 5.42 -18.13
C ARG B 61 -8.71 5.92 -17.04
N PHE B 62 -7.64 5.17 -16.79
CA PHE B 62 -6.64 5.60 -15.82
C PHE B 62 -5.53 6.36 -16.53
N SER B 63 -5.27 7.61 -16.13
CA SER B 63 -4.15 8.36 -16.69
C SER B 63 -3.38 9.08 -15.58
N GLY B 64 -2.05 9.14 -15.72
CA GLY B 64 -1.24 9.88 -14.78
C GLY B 64 -0.57 11.08 -15.44
N SER B 65 -0.38 12.13 -14.67
CA SER B 65 0.19 13.35 -15.22
C SER B 65 1.03 14.04 -14.15
N GLY B 66 1.90 14.93 -14.62
CA GLY B 66 2.71 15.77 -13.74
C GLY B 66 4.19 15.45 -13.84
N SER B 67 4.98 16.41 -13.37
CA SER B 67 6.43 16.39 -13.40
C SER B 67 6.87 17.46 -12.41
N GLY B 68 7.87 17.19 -11.58
CA GLY B 68 8.32 18.17 -10.61
C GLY B 68 7.83 17.82 -9.21
N THR B 69 6.79 18.52 -8.73
CA THR B 69 6.25 18.27 -7.41
C THR B 69 4.79 17.80 -7.42
N ASP B 70 3.99 18.18 -8.44
CA ASP B 70 2.55 17.97 -8.41
C ASP B 70 2.09 16.94 -9.43
N PHE B 71 1.59 15.81 -8.91
CA PHE B 71 1.22 14.67 -9.73
C PHE B 71 -0.26 14.41 -9.54
N THR B 72 -0.89 13.85 -10.56
CA THR B 72 -2.32 13.62 -10.61
C THR B 72 -2.59 12.25 -11.24
N LEU B 73 -3.52 11.50 -10.63
CA LEU B 73 -4.12 10.32 -11.24
C LEU B 73 -5.59 10.65 -11.52
N THR B 74 -5.98 10.50 -12.79
CA THR B 74 -7.34 10.79 -13.20
C THR B 74 -7.97 9.48 -13.64
N ILE B 75 -9.16 9.19 -13.14
CA ILE B 75 -10.01 8.14 -13.66
C ILE B 75 -11.17 8.85 -14.36
N SER B 76 -11.17 8.80 -15.69
CA SER B 76 -12.03 9.66 -16.50
C SER B 76 -13.49 9.50 -16.10
N SER B 77 -13.92 8.24 -15.92
CA SER B 77 -15.26 7.91 -15.47
C SER B 77 -15.17 6.63 -14.65
N LEU B 78 -15.51 6.72 -13.37
CA LEU B 78 -15.37 5.60 -12.44
C LEU B 78 -16.31 4.47 -12.84
N GLU B 79 -15.76 3.25 -12.80
CA GLU B 79 -16.52 2.02 -12.82
C GLU B 79 -16.64 1.44 -11.42
N PRO B 80 -17.64 0.56 -11.19
CA PRO B 80 -17.85 -0.05 -9.87
C PRO B 80 -16.61 -0.65 -9.19
N GLU B 81 -15.75 -1.30 -10.00
CA GLU B 81 -14.56 -2.00 -9.52
C GLU B 81 -13.44 -1.02 -9.17
N ASP B 82 -13.68 0.31 -9.30
CA ASP B 82 -12.61 1.28 -9.12
C ASP B 82 -12.57 1.87 -7.70
N PHE B 83 -13.53 1.51 -6.85
CA PHE B 83 -13.54 1.96 -5.47
C PHE B 83 -12.52 1.15 -4.68
N ALA B 84 -11.49 1.85 -4.17
CA ALA B 84 -10.28 1.26 -3.63
C ALA B 84 -9.47 2.37 -2.97
N VAL B 85 -8.32 2.00 -2.40
CA VAL B 85 -7.34 2.96 -1.96
C VAL B 85 -6.29 3.11 -3.06
N TYR B 86 -5.88 4.36 -3.31
CA TYR B 86 -4.85 4.65 -4.30
C TYR B 86 -3.62 5.26 -3.62
N TYR B 87 -2.43 4.71 -3.92
CA TYR B 87 -1.17 5.21 -3.40
C TYR B 87 -0.28 5.72 -4.53
N CYS B 88 0.40 6.85 -4.25
CA CYS B 88 1.55 7.25 -5.03
C CYS B 88 2.83 6.86 -4.30
N GLN B 89 3.91 6.77 -5.07
CA GLN B 89 5.20 6.26 -4.58
C GLN B 89 6.30 6.82 -5.46
N LEU B 90 7.42 7.16 -4.82
CA LEU B 90 8.61 7.49 -5.61
C LEU B 90 9.11 6.16 -6.17
N ARG B 91 9.36 6.11 -7.47
CA ARG B 91 9.82 4.86 -8.14
C ARG B 91 10.99 5.23 -9.06
N SER B 92 12.19 4.76 -8.73
CA SER B 92 13.40 5.15 -9.51
C SER B 92 14.60 4.26 -9.15
N ASN B 93 15.68 4.39 -9.92
CA ASN B 93 16.94 3.66 -9.63
C ASN B 93 17.55 4.24 -8.35
N TRP B 94 17.11 5.44 -7.97
CA TRP B 94 17.76 6.13 -6.83
C TRP B 94 16.80 6.25 -5.64
N PRO B 95 17.29 6.04 -4.40
CA PRO B 95 16.45 6.20 -3.21
C PRO B 95 16.14 7.69 -2.96
N PRO B 96 15.15 8.07 -2.11
CA PRO B 96 14.21 7.15 -1.46
C PRO B 96 12.97 6.81 -2.28
N LEU B 97 12.31 5.70 -1.91
CA LEU B 97 11.14 5.22 -2.63
C LEU B 97 9.88 5.30 -1.76
N THR B 98 9.70 6.46 -1.12
CA THR B 98 8.63 6.74 -0.17
C THR B 98 7.25 6.62 -0.82
N PHE B 99 6.29 6.07 -0.08
CA PHE B 99 4.87 6.12 -0.44
C PHE B 99 4.17 7.33 0.16
N GLY B 100 3.19 7.84 -0.61
CA GLY B 100 2.15 8.71 -0.09
C GLY B 100 1.26 7.97 0.91
N GLY B 101 0.44 8.76 1.60
CA GLY B 101 -0.42 8.22 2.65
C GLY B 101 -1.68 7.54 2.13
N GLY B 102 -1.97 7.64 0.82
CA GLY B 102 -3.17 7.02 0.27
C GLY B 102 -4.41 7.92 0.23
N THR B 103 -5.20 7.76 -0.85
CA THR B 103 -6.50 8.37 -0.97
C THR B 103 -7.49 7.25 -1.17
N LYS B 104 -8.49 7.19 -0.28
CA LYS B 104 -9.57 6.24 -0.36
C LYS B 104 -10.67 6.80 -1.25
N VAL B 105 -11.01 6.04 -2.30
CA VAL B 105 -12.14 6.40 -3.16
C VAL B 105 -13.31 5.50 -2.78
N GLN B 106 -14.32 6.09 -2.12
CA GLN B 106 -15.49 5.39 -1.62
C GLN B 106 -16.75 5.86 -2.33
N ILE B 107 -17.84 5.13 -2.08
CA ILE B 107 -19.16 5.46 -2.61
C ILE B 107 -19.79 6.53 -1.71
N LYS B 108 -20.22 7.64 -2.32
CA LYS B 108 -20.97 8.65 -1.60
C LYS B 108 -22.39 8.17 -1.31
N ARG B 109 -22.88 8.52 -0.14
CA ARG B 109 -24.29 8.39 0.21
C ARG B 109 -24.63 9.49 1.22
N THR B 110 -25.92 9.59 1.58
CA THR B 110 -26.35 10.60 2.54
C THR B 110 -25.79 10.28 3.92
N VAL B 111 -25.73 11.31 4.78
CA VAL B 111 -25.32 11.11 6.16
C VAL B 111 -26.32 10.19 6.85
N ALA B 112 -25.80 9.23 7.64
CA ALA B 112 -26.61 8.30 8.39
C ALA B 112 -25.99 8.13 9.77
N ALA B 113 -26.72 8.52 10.80
CA ALA B 113 -26.31 8.29 12.17
C ALA B 113 -26.25 6.79 12.44
N PRO B 114 -25.36 6.35 13.34
CA PRO B 114 -25.33 4.97 13.82
C PRO B 114 -26.55 4.62 14.67
N SER B 115 -27.03 3.38 14.52
CA SER B 115 -27.87 2.76 15.53
C SER B 115 -26.93 2.12 16.55
N VAL B 116 -27.08 2.48 17.83
CA VAL B 116 -26.15 2.09 18.89
C VAL B 116 -26.79 1.00 19.74
N PHE B 117 -25.97 0.01 20.10
CA PHE B 117 -26.39 -1.11 20.92
C PHE B 117 -25.26 -1.42 21.91
N ILE B 118 -25.63 -1.66 23.17
CA ILE B 118 -24.65 -2.03 24.18
C ILE B 118 -24.95 -3.45 24.64
N PHE B 119 -23.87 -4.21 24.89
CA PHE B 119 -24.01 -5.60 25.29
C PHE B 119 -23.20 -5.89 26.55
N PRO B 120 -23.87 -6.31 27.64
CA PRO B 120 -23.17 -6.68 28.85
C PRO B 120 -22.37 -7.95 28.67
N PRO B 121 -21.37 -8.20 29.52
CA PRO B 121 -20.65 -9.47 29.54
C PRO B 121 -21.58 -10.63 29.91
N SER B 122 -21.31 -11.78 29.30
CA SER B 122 -22.05 -12.99 29.58
C SER B 122 -21.65 -13.51 30.96
N ASP B 123 -22.59 -14.18 31.63
CA ASP B 123 -22.28 -14.85 32.88
C ASP B 123 -21.15 -15.86 32.67
N GLU B 124 -21.16 -16.54 31.52
CA GLU B 124 -20.22 -17.62 31.29
C GLU B 124 -18.81 -17.03 31.27
N GLN B 125 -18.67 -15.91 30.58
CA GLN B 125 -17.38 -15.25 30.52
C GLN B 125 -16.93 -14.80 31.91
N LEU B 126 -17.82 -14.14 32.67
CA LEU B 126 -17.50 -13.57 33.97
C LEU B 126 -16.84 -14.60 34.89
N LYS B 127 -17.33 -15.84 34.83
CA LYS B 127 -16.81 -16.95 35.63
C LYS B 127 -15.29 -17.02 35.54
N SER B 128 -14.74 -16.74 34.35
CA SER B 128 -13.32 -16.91 34.06
C SER B 128 -12.47 -15.75 34.61
N GLY B 129 -13.05 -14.66 35.08
CA GLY B 129 -12.22 -13.59 35.65
C GLY B 129 -12.07 -12.35 34.78
N THR B 130 -12.70 -12.34 33.58
CA THR B 130 -12.63 -11.20 32.69
C THR B 130 -14.01 -10.82 32.18
N ALA B 131 -14.24 -9.52 31.96
CA ALA B 131 -15.49 -9.03 31.42
C ALA B 131 -15.24 -8.24 30.13
N SER B 132 -15.93 -8.63 29.04
CA SER B 132 -15.96 -7.84 27.82
C SER B 132 -17.33 -7.19 27.69
N VAL B 133 -17.33 -5.85 27.55
CA VAL B 133 -18.55 -5.10 27.29
C VAL B 133 -18.44 -4.57 25.88
N VAL B 134 -19.48 -4.81 25.07
CA VAL B 134 -19.41 -4.47 23.66
C VAL B 134 -20.43 -3.40 23.30
N CYS B 135 -19.95 -2.41 22.53
CA CYS B 135 -20.80 -1.39 21.96
C CYS B 135 -20.76 -1.44 20.43
N LEU B 136 -21.93 -1.54 19.81
CA LEU B 136 -22.08 -1.61 18.38
C LEU B 136 -22.67 -0.30 17.85
N LEU B 137 -21.97 0.28 16.85
CA LEU B 137 -22.43 1.38 16.04
C LEU B 137 -22.73 0.86 14.63
N ASN B 138 -24.01 0.78 14.29
CA ASN B 138 -24.41 0.03 13.11
C ASN B 138 -24.87 0.96 11.98
N ASN B 139 -24.35 0.71 10.78
CA ASN B 139 -24.84 1.27 9.53
C ASN B 139 -24.82 2.80 9.52
N PHE B 140 -23.63 3.40 9.65
CA PHE B 140 -23.50 4.84 9.63
C PHE B 140 -22.63 5.32 8.48
N TYR B 141 -22.67 6.64 8.24
CA TYR B 141 -21.89 7.27 7.19
C TYR B 141 -21.86 8.77 7.47
N PRO B 142 -20.71 9.47 7.37
CA PRO B 142 -19.43 8.88 6.99
C PRO B 142 -18.77 8.12 8.14
N ARG B 143 -17.54 7.72 7.87
CA ARG B 143 -16.81 6.80 8.72
C ARG B 143 -16.44 7.42 10.08
N GLU B 144 -16.28 8.75 10.19
CA GLU B 144 -15.80 9.33 11.44
C GLU B 144 -16.86 9.17 12.52
N ALA B 145 -16.46 8.58 13.66
CA ALA B 145 -17.35 8.42 14.80
C ALA B 145 -16.51 8.30 16.07
N LYS B 146 -16.96 8.91 17.16
CA LYS B 146 -16.25 8.79 18.42
C LYS B 146 -17.10 7.99 19.42
N VAL B 147 -16.46 6.98 20.02
CA VAL B 147 -17.08 6.16 21.06
C VAL B 147 -16.31 6.36 22.35
N GLN B 148 -17.00 6.74 23.43
CA GLN B 148 -16.37 6.92 24.73
C GLN B 148 -17.09 6.01 25.70
N TRP B 149 -16.33 5.33 26.55
CA TRP B 149 -16.90 4.50 27.59
C TRP B 149 -16.88 5.31 28.89
N LYS B 150 -17.98 5.19 29.65
CA LYS B 150 -18.06 5.75 30.98
C LYS B 150 -18.58 4.65 31.90
N VAL B 151 -17.91 4.53 33.06
CA VAL B 151 -18.25 3.60 34.12
C VAL B 151 -18.54 4.42 35.36
N ASP B 152 -19.80 4.38 35.82
CA ASP B 152 -20.24 5.23 36.90
C ASP B 152 -19.82 6.66 36.57
N ASN B 153 -19.95 6.99 35.29
CA ASN B 153 -19.76 8.34 34.80
C ASN B 153 -18.28 8.73 34.69
N ALA B 154 -17.34 7.81 34.99
CA ALA B 154 -15.93 8.12 34.80
C ALA B 154 -15.53 7.69 33.40
N LEU B 155 -14.94 8.62 32.64
CA LEU B 155 -14.43 8.31 31.30
C LEU B 155 -13.29 7.30 31.38
N GLN B 156 -13.39 6.24 30.55
CA GLN B 156 -12.41 5.18 30.53
C GLN B 156 -11.33 5.54 29.51
N SER B 157 -10.11 5.08 29.76
CA SER B 157 -9.02 5.28 28.82
C SER B 157 -8.08 4.06 28.86
N GLY B 158 -7.72 3.52 27.69
CA GLY B 158 -6.65 2.54 27.61
C GLY B 158 -7.14 1.10 27.61
N ASN B 159 -8.45 0.90 27.86
CA ASN B 159 -8.97 -0.44 28.12
C ASN B 159 -10.05 -0.80 27.08
N SER B 160 -10.03 -0.11 25.92
CA SER B 160 -10.95 -0.40 24.83
C SER B 160 -10.21 -0.52 23.48
N GLN B 161 -10.78 -1.33 22.59
CA GLN B 161 -10.26 -1.48 21.20
C GLN B 161 -11.46 -1.36 20.24
N GLU B 162 -11.24 -0.73 19.09
CA GLU B 162 -12.31 -0.59 18.07
C GLU B 162 -11.95 -1.32 16.77
N SER B 163 -12.98 -1.79 16.06
CA SER B 163 -12.77 -2.46 14.76
C SER B 163 -13.89 -1.95 13.83
N VAL B 164 -13.55 -1.78 12.56
CA VAL B 164 -14.55 -1.29 11.57
CA VAL B 164 -14.55 -1.29 11.57
C VAL B 164 -14.66 -2.14 10.29
N THR B 165 -15.90 -2.22 9.83
CA THR B 165 -16.15 -2.91 8.59
C THR B 165 -15.71 -2.06 7.39
N GLU B 166 -15.60 -2.76 6.24
CA GLU B 166 -15.53 -2.16 4.92
C GLU B 166 -16.91 -1.63 4.53
N GLN B 167 -16.93 -0.65 3.62
CA GLN B 167 -18.19 -0.05 3.20
C GLN B 167 -19.12 -1.15 2.72
N ASP B 168 -20.39 -1.12 3.12
CA ASP B 168 -21.35 -2.14 2.73
C ASP B 168 -21.64 -2.01 1.24
N SER B 169 -21.65 -3.14 0.53
CA SER B 169 -21.81 -3.12 -0.92
C SER B 169 -23.23 -2.71 -1.31
N LYS B 170 -24.22 -2.92 -0.43
CA LYS B 170 -25.61 -2.62 -0.75
C LYS B 170 -26.00 -1.22 -0.28
N ASP B 171 -25.60 -0.80 0.93
CA ASP B 171 -26.13 0.47 1.45
C ASP B 171 -25.01 1.49 1.72
N SER B 172 -23.74 1.14 1.50
CA SER B 172 -22.66 2.11 1.49
C SER B 172 -22.35 2.65 2.88
N THR B 173 -22.79 1.94 3.92
CA THR B 173 -22.50 2.35 5.29
C THR B 173 -21.35 1.54 5.87
N TYR B 174 -20.91 2.01 7.05
CA TYR B 174 -19.89 1.39 7.87
C TYR B 174 -20.54 0.92 9.16
N SER B 175 -19.93 -0.08 9.82
CA SER B 175 -20.30 -0.41 11.18
C SER B 175 -19.03 -0.49 11.99
N LEU B 176 -19.18 -0.30 13.29
CA LEU B 176 -18.04 -0.29 14.18
C LEU B 176 -18.40 -0.98 15.49
N SER B 177 -17.42 -1.69 16.06
CA SER B 177 -17.55 -2.26 17.39
C SER B 177 -16.46 -1.70 18.28
N SER B 178 -16.83 -1.40 19.52
CA SER B 178 -15.88 -1.04 20.56
C SER B 178 -16.05 -2.01 21.72
N THR B 179 -14.93 -2.57 22.20
CA THR B 179 -14.94 -3.55 23.27
C THR B 179 -14.14 -2.98 24.43
N LEU B 180 -14.81 -2.85 25.59
CA LEU B 180 -14.19 -2.49 26.84
C LEU B 180 -13.88 -3.78 27.60
N THR B 181 -12.61 -3.98 27.96
CA THR B 181 -12.20 -5.18 28.63
C THR B 181 -11.75 -4.84 30.05
N LEU B 182 -12.36 -5.52 31.03
CA LEU B 182 -12.07 -5.31 32.44
C LEU B 182 -11.82 -6.66 33.12
N SER B 183 -11.09 -6.63 34.22
CA SER B 183 -11.06 -7.78 35.12
C SER B 183 -12.45 -7.90 35.73
N LYS B 184 -12.85 -9.11 36.12
CA LYS B 184 -14.10 -9.27 36.86
C LYS B 184 -14.10 -8.40 38.13
N ALA B 185 -12.95 -8.32 38.79
CA ALA B 185 -12.85 -7.56 40.02
C ALA B 185 -13.26 -6.11 39.79
N ASP B 186 -12.67 -5.48 38.77
CA ASP B 186 -12.94 -4.09 38.43
C ASP B 186 -14.38 -3.93 37.97
N TYR B 187 -14.86 -4.83 37.08
CA TYR B 187 -16.23 -4.81 36.62
C TYR B 187 -17.22 -4.75 37.80
N GLU B 188 -16.93 -5.54 38.83
CA GLU B 188 -17.83 -5.71 39.97
C GLU B 188 -17.79 -4.52 40.91
N LYS B 189 -16.86 -3.57 40.73
CA LYS B 189 -16.76 -2.42 41.62
C LYS B 189 -17.71 -1.28 41.22
N HIS B 190 -18.26 -1.37 40.00
CA HIS B 190 -19.08 -0.24 39.49
C HIS B 190 -20.46 -0.73 39.05
N LYS B 191 -21.37 0.22 38.87
CA LYS B 191 -22.76 -0.11 38.56
C LYS B 191 -23.11 0.20 37.10
N VAL B 192 -22.87 1.43 36.63
CA VAL B 192 -23.43 1.89 35.36
C VAL B 192 -22.37 1.79 34.27
N TYR B 193 -22.67 1.03 33.21
CA TYR B 193 -21.81 0.91 32.05
C TYR B 193 -22.46 1.60 30.87
N ALA B 194 -21.77 2.61 30.31
CA ALA B 194 -22.33 3.43 29.26
C ALA B 194 -21.34 3.57 28.10
N CYS B 195 -21.94 3.56 26.91
N CYS B 195 -21.83 3.42 26.87
CA CYS B 195 -21.27 3.79 25.65
CA CYS B 195 -21.05 3.88 25.74
C CYS B 195 -21.83 5.09 25.08
C CYS B 195 -21.77 5.05 25.12
N GLU B 196 -20.98 6.10 24.90
CA GLU B 196 -21.45 7.38 24.39
C GLU B 196 -20.89 7.62 22.99
N VAL B 197 -21.78 7.95 22.05
CA VAL B 197 -21.46 8.02 20.63
C VAL B 197 -21.68 9.43 20.08
N THR B 198 -20.68 9.93 19.36
CA THR B 198 -20.82 11.20 18.65
C THR B 198 -20.58 10.93 17.16
N HIS B 199 -21.40 11.56 16.32
CA HIS B 199 -21.35 11.37 14.89
C HIS B 199 -22.07 12.54 14.22
N GLN B 200 -21.57 12.96 13.05
CA GLN B 200 -22.13 14.02 12.21
C GLN B 200 -23.67 13.95 12.17
N GLY B 201 -24.21 12.74 12.02
CA GLY B 201 -25.65 12.53 11.89
C GLY B 201 -26.47 12.64 13.19
N LEU B 202 -25.81 12.81 14.34
CA LEU B 202 -26.47 12.92 15.63
C LEU B 202 -26.40 14.36 16.11
N SER B 203 -27.53 14.96 16.50
CA SER B 203 -27.55 16.36 16.88
C SER B 203 -27.07 16.56 18.33
N SER B 204 -27.21 15.50 19.14
CA SER B 204 -26.65 15.33 20.47
C SER B 204 -25.93 13.98 20.51
N PRO B 205 -24.96 13.76 21.42
CA PRO B 205 -24.38 12.44 21.61
C PRO B 205 -25.44 11.46 22.10
N VAL B 206 -25.36 10.20 21.65
CA VAL B 206 -26.28 9.15 22.03
C VAL B 206 -25.56 8.21 23.01
N THR B 207 -26.24 7.86 24.08
CA THR B 207 -25.69 6.95 25.07
C THR B 207 -26.58 5.73 25.19
N LYS B 208 -25.96 4.54 25.18
CA LYS B 208 -26.63 3.35 25.64
C LYS B 208 -25.96 2.85 26.90
N SER B 209 -26.77 2.37 27.86
CA SER B 209 -26.32 2.00 29.19
C SER B 209 -27.00 0.71 29.66
N PHE B 210 -26.34 0.06 30.63
CA PHE B 210 -27.00 -0.88 31.52
C PHE B 210 -26.44 -0.71 32.92
N ASN B 211 -27.21 -1.21 33.90
CA ASN B 211 -26.78 -1.38 35.27
C ASN B 211 -26.32 -2.81 35.49
N ARG B 212 -25.10 -3.00 35.98
CA ARG B 212 -24.55 -4.34 36.13
C ARG B 212 -25.57 -5.21 36.87
N GLY B 213 -25.99 -6.31 36.25
CA GLY B 213 -27.04 -7.17 36.79
C GLY B 213 -28.43 -6.75 36.31
N GLU B 214 -28.99 -7.51 35.34
CA GLU B 214 -30.22 -7.16 34.64
C GLU B 214 -31.22 -6.51 35.60
N VAL C 11 1.93 -0.62 -25.95
CA VAL C 11 2.67 0.18 -24.92
C VAL C 11 2.52 1.67 -25.25
N ALA C 12 3.36 2.17 -26.15
CA ALA C 12 3.31 3.61 -26.48
C ALA C 12 3.59 4.39 -25.19
N VAL C 13 4.61 3.92 -24.47
CA VAL C 13 5.18 4.63 -23.30
C VAL C 13 6.20 5.69 -23.76
N SER C 14 6.34 6.77 -22.97
CA SER C 14 7.09 7.98 -23.40
C SER C 14 8.01 8.49 -22.27
N GLY C 15 9.07 9.24 -22.62
CA GLY C 15 10.00 9.87 -21.65
C GLY C 15 10.76 11.06 -22.25
N LYS C 16 10.95 12.16 -21.48
CA LYS C 16 11.63 13.41 -21.95
C LYS C 16 13.01 13.63 -21.29
N TRP C 17 14.02 14.10 -22.03
CA TRP C 17 15.40 14.19 -21.50
C TRP C 17 16.23 15.29 -22.16
N TYR C 18 17.38 15.63 -21.59
CA TYR C 18 18.30 16.61 -22.14
C TYR C 18 19.66 15.97 -22.37
N LEU C 19 20.19 16.18 -23.58
CA LEU C 19 21.54 15.78 -23.96
C LEU C 19 22.47 16.86 -23.46
N LYS C 20 23.17 16.58 -22.35
CA LYS C 20 23.96 17.66 -21.71
C LYS C 20 25.45 17.65 -22.05
N ALA C 21 25.98 16.49 -22.47
CA ALA C 21 27.41 16.40 -22.73
C ALA C 21 27.70 15.19 -23.61
N MET C 22 28.78 15.27 -24.40
CA MET C 22 29.16 14.16 -25.31
C MET C 22 30.69 14.07 -25.42
N THR C 23 31.18 12.89 -25.81
CA THR C 23 32.60 12.69 -26.14
C THR C 23 32.71 11.52 -27.09
N ALA C 24 33.91 11.36 -27.67
CA ALA C 24 34.20 10.21 -28.54
C ALA C 24 35.72 9.98 -28.57
N ASP C 25 36.12 8.92 -29.27
CA ASP C 25 37.53 8.56 -29.38
C ASP C 25 38.15 9.31 -30.57
N GLN C 26 37.41 10.27 -31.14
CA GLN C 26 37.82 11.04 -32.30
C GLN C 26 37.17 12.42 -32.21
N GLU C 27 37.47 13.30 -33.17
CA GLU C 27 36.82 14.60 -33.27
C GLU C 27 35.44 14.42 -33.92
N LYS C 31 29.64 19.45 -34.04
CA LYS C 31 29.36 19.74 -32.61
C LYS C 31 28.18 20.73 -32.54
N PRO C 32 26.98 20.27 -32.16
CA PRO C 32 25.79 21.13 -32.12
C PRO C 32 26.02 22.45 -31.39
N ASP C 33 25.56 23.54 -32.01
CA ASP C 33 25.53 24.86 -31.38
C ASP C 33 24.50 24.86 -30.25
N SER C 34 23.34 24.24 -30.52
CA SER C 34 22.26 24.13 -29.55
C SER C 34 21.55 22.78 -29.75
N VAL C 35 20.91 22.28 -28.68
CA VAL C 35 20.04 21.12 -28.78
C VAL C 35 18.72 21.41 -28.05
N THR C 36 17.63 20.86 -28.60
CA THR C 36 16.34 20.70 -27.94
C THR C 36 16.33 19.46 -27.04
N PRO C 37 15.28 19.26 -26.22
CA PRO C 37 15.18 18.04 -25.42
C PRO C 37 15.08 16.81 -26.31
N MET C 38 15.56 15.67 -25.80
CA MET C 38 15.42 14.39 -26.47
C MET C 38 14.14 13.73 -25.94
N ILE C 39 13.33 13.18 -26.85
CA ILE C 39 12.08 12.52 -26.48
C ILE C 39 12.20 11.05 -26.88
N LEU C 40 11.86 10.15 -25.97
CA LEU C 40 11.89 8.73 -26.25
C LEU C 40 10.46 8.20 -26.21
N LYS C 41 10.15 7.31 -27.17
CA LYS C 41 8.90 6.57 -27.27
C LYS C 41 9.22 5.08 -27.39
N ALA C 42 8.58 4.24 -26.55
CA ALA C 42 8.77 2.80 -26.58
C ALA C 42 7.58 2.15 -27.29
N GLN C 43 7.90 1.19 -28.15
CA GLN C 43 6.84 0.58 -28.96
C GLN C 43 6.60 -0.88 -28.57
N LYS C 44 5.34 -1.29 -28.57
CA LYS C 44 5.04 -2.70 -28.39
C LYS C 44 6.01 -3.47 -29.29
N GLY C 45 6.76 -4.41 -28.70
CA GLY C 45 7.78 -5.15 -29.43
C GLY C 45 9.17 -5.04 -28.80
N GLY C 46 9.46 -3.88 -28.20
CA GLY C 46 10.68 -3.70 -27.42
C GLY C 46 11.55 -2.52 -27.87
N ASN C 47 11.30 -1.96 -29.07
CA ASN C 47 12.18 -0.94 -29.61
C ASN C 47 11.91 0.43 -28.97
N LEU C 48 12.94 1.29 -28.93
CA LEU C 48 12.84 2.69 -28.53
C LEU C 48 13.11 3.58 -29.74
N GLU C 49 12.43 4.73 -29.82
CA GLU C 49 12.73 5.76 -30.81
C GLU C 49 13.09 7.03 -30.05
N ALA C 50 14.27 7.60 -30.36
CA ALA C 50 14.75 8.82 -29.76
C ALA C 50 14.74 9.93 -30.80
N LYS C 51 14.23 11.11 -30.43
CA LYS C 51 14.19 12.27 -31.32
C LYS C 51 14.77 13.50 -30.62
N ILE C 52 15.64 14.20 -31.35
CA ILE C 52 16.17 15.46 -30.87
C ILE C 52 16.43 16.35 -32.09
N THR C 53 16.39 17.66 -31.84
CA THR C 53 16.71 18.66 -32.84
C THR C 53 17.99 19.39 -32.43
N MET C 54 18.85 19.60 -33.43
CA MET C 54 20.19 20.13 -33.22
C MET C 54 20.38 21.31 -34.16
N LEU C 55 21.00 22.39 -33.63
CA LEU C 55 21.41 23.54 -34.44
C LEU C 55 22.88 23.32 -34.86
N THR C 56 23.12 23.24 -36.18
CA THR C 56 24.45 23.00 -36.71
C THR C 56 24.58 23.67 -38.07
N ASN C 57 25.58 24.54 -38.23
CA ASN C 57 25.82 25.29 -39.46
C ASN C 57 24.59 26.11 -39.84
N GLY C 58 24.01 26.81 -38.85
CA GLY C 58 22.88 27.70 -39.05
C GLY C 58 21.58 26.99 -39.44
N GLN C 59 21.55 25.65 -39.32
CA GLN C 59 20.41 24.85 -39.74
C GLN C 59 19.92 23.97 -38.61
N CYS C 60 18.61 23.71 -38.58
CA CYS C 60 17.98 22.85 -37.58
C CYS C 60 17.80 21.43 -38.14
N GLN C 61 18.56 20.48 -37.60
CA GLN C 61 18.47 19.09 -38.02
C GLN C 61 17.62 18.28 -37.02
N ASN C 62 16.59 17.61 -37.54
CA ASN C 62 15.82 16.67 -36.75
C ASN C 62 16.46 15.29 -36.88
N ILE C 63 16.95 14.76 -35.75
CA ILE C 63 17.57 13.44 -35.68
C ILE C 63 16.53 12.48 -35.10
N THR C 64 16.42 11.32 -35.72
CA THR C 64 15.66 10.22 -35.15
C THR C 64 16.55 9.00 -35.17
N VAL C 65 16.60 8.29 -34.04
CA VAL C 65 17.29 6.99 -34.01
C VAL C 65 16.32 5.95 -33.46
N VAL C 66 16.19 4.84 -34.18
CA VAL C 66 15.44 3.68 -33.71
C VAL C 66 16.45 2.70 -33.10
N LEU C 67 16.25 2.38 -31.81
CA LEU C 67 17.07 1.43 -31.10
C LEU C 67 16.29 0.12 -30.99
N HIS C 68 16.86 -0.93 -31.57
CA HIS C 68 16.19 -2.22 -31.66
C HIS C 68 16.54 -3.07 -30.42
N LYS C 69 15.54 -3.76 -29.88
CA LYS C 69 15.73 -4.66 -28.74
C LYS C 69 16.86 -5.66 -29.04
N THR C 70 17.62 -6.00 -27.98
CA THR C 70 18.39 -7.22 -27.93
C THR C 70 17.82 -8.06 -26.79
N SER C 71 18.41 -9.25 -26.56
CA SER C 71 18.06 -10.09 -25.43
C SER C 71 18.65 -9.55 -24.12
N GLU C 72 19.49 -8.51 -24.19
CA GLU C 72 20.11 -7.97 -22.99
C GLU C 72 19.49 -6.61 -22.71
N PRO C 73 18.98 -6.35 -21.48
CA PRO C 73 18.41 -5.03 -21.17
C PRO C 73 19.47 -3.94 -21.24
N GLY C 74 19.09 -2.79 -21.80
CA GLY C 74 19.99 -1.63 -21.84
C GLY C 74 20.91 -1.66 -23.06
N LYS C 75 20.84 -2.74 -23.85
CA LYS C 75 21.66 -2.93 -25.04
C LYS C 75 20.74 -2.99 -26.27
N TYR C 76 21.01 -2.11 -27.25
CA TYR C 76 20.22 -2.03 -28.47
C TYR C 76 21.12 -2.02 -29.71
N THR C 77 20.52 -2.27 -30.88
CA THR C 77 21.19 -2.14 -32.16
C THR C 77 20.52 -1.03 -32.95
N ALA C 78 21.32 -0.28 -33.72
CA ALA C 78 20.81 0.79 -34.57
C ALA C 78 21.62 0.88 -35.86
N TYR C 79 21.16 1.73 -36.79
CA TYR C 79 21.82 2.03 -38.06
C TYR C 79 22.06 0.76 -38.87
N GLU C 80 20.97 -0.01 -39.07
CA GLU C 80 20.96 -1.24 -39.84
C GLU C 80 21.96 -2.25 -39.27
N GLY C 81 21.94 -2.43 -37.94
CA GLY C 81 22.77 -3.42 -37.26
C GLY C 81 24.18 -2.94 -36.93
N GLN C 82 24.65 -1.88 -37.62
CA GLN C 82 26.05 -1.50 -37.65
C GLN C 82 26.48 -0.76 -36.38
N ARG C 83 25.53 -0.26 -35.58
CA ARG C 83 25.87 0.39 -34.32
C ARG C 83 25.30 -0.42 -33.15
N VAL C 84 26.11 -0.57 -32.09
CA VAL C 84 25.65 -1.17 -30.85
C VAL C 84 25.64 -0.10 -29.76
N VAL C 85 24.54 -0.01 -29.01
CA VAL C 85 24.36 1.07 -28.05
C VAL C 85 24.03 0.51 -26.66
N PHE C 86 24.78 0.98 -25.66
CA PHE C 86 24.64 0.58 -24.26
C PHE C 86 24.18 1.79 -23.46
N ILE C 87 23.03 1.64 -22.77
CA ILE C 87 22.45 2.74 -22.00
C ILE C 87 22.36 2.30 -20.54
N GLN C 88 22.86 3.14 -19.64
CA GLN C 88 22.88 2.77 -18.23
C GLN C 88 22.66 4.00 -17.36
N PRO C 89 21.97 3.82 -16.22
CA PRO C 89 21.77 4.92 -15.29
C PRO C 89 23.11 5.36 -14.70
N SER C 90 23.26 6.69 -14.53
CA SER C 90 24.36 7.25 -13.79
C SER C 90 24.19 6.98 -12.30
N PRO C 91 25.26 6.89 -11.47
CA PRO C 91 25.12 6.99 -10.03
C PRO C 91 24.46 8.28 -9.55
N VAL C 92 24.60 9.35 -10.35
CA VAL C 92 24.00 10.63 -10.00
C VAL C 92 22.54 10.66 -10.45
N ARG C 93 21.69 11.02 -9.50
CA ARG C 93 20.24 11.00 -9.65
C ARG C 93 19.77 11.61 -10.97
N ASP C 94 18.86 10.89 -11.64
CA ASP C 94 18.16 11.38 -12.84
C ASP C 94 19.13 11.72 -13.97
N HIS C 95 20.21 10.95 -14.11
CA HIS C 95 21.08 11.05 -15.27
C HIS C 95 21.30 9.64 -15.79
N TYR C 96 21.59 9.55 -17.09
CA TYR C 96 21.93 8.31 -17.76
C TYR C 96 23.14 8.56 -18.66
N ILE C 97 23.84 7.47 -19.01
CA ILE C 97 24.97 7.50 -19.93
C ILE C 97 24.69 6.54 -21.07
N LEU C 98 24.89 7.05 -22.29
CA LEU C 98 24.74 6.26 -23.51
C LEU C 98 26.15 6.03 -24.05
N TYR C 99 26.46 4.78 -24.45
CA TYR C 99 27.74 4.43 -25.04
C TYR C 99 27.46 3.70 -26.36
N CYS C 100 28.24 4.04 -27.41
CA CYS C 100 27.91 3.69 -28.78
C CYS C 100 29.19 3.30 -29.52
N GLU C 101 29.13 2.30 -30.40
CA GLU C 101 30.30 1.94 -31.22
C GLU C 101 29.90 1.11 -32.44
N ILE C 109 33.13 4.74 -35.19
CA ILE C 109 33.56 5.59 -34.05
C ILE C 109 33.05 4.97 -32.76
N ARG C 110 33.52 5.50 -31.63
CA ARG C 110 33.00 5.06 -30.31
C ARG C 110 32.64 6.34 -29.56
N MET C 111 31.40 6.47 -29.09
CA MET C 111 30.97 7.74 -28.48
C MET C 111 30.21 7.52 -27.18
N ALA C 112 30.19 8.53 -26.32
CA ALA C 112 29.39 8.46 -25.08
C ALA C 112 28.61 9.76 -24.91
N LYS C 113 27.45 9.66 -24.28
CA LYS C 113 26.60 10.86 -24.09
C LYS C 113 25.95 10.87 -22.70
N LEU C 114 25.81 12.06 -22.13
CA LEU C 114 25.19 12.24 -20.82
C LEU C 114 23.82 12.87 -20.97
N LEU C 115 22.83 12.17 -20.41
CA LEU C 115 21.45 12.61 -20.51
C LEU C 115 21.00 12.94 -19.10
N GLY C 116 20.19 13.97 -18.96
CA GLY C 116 19.61 14.30 -17.67
C GLY C 116 18.16 14.78 -17.79
N ARG C 117 17.42 14.67 -16.68
CA ARG C 117 16.10 15.28 -16.54
C ARG C 117 16.20 16.79 -16.46
N ASP C 118 17.30 17.30 -15.88
CA ASP C 118 17.46 18.73 -15.70
C ASP C 118 18.35 19.29 -16.82
N PRO C 119 17.92 20.34 -17.55
CA PRO C 119 18.79 21.01 -18.53
C PRO C 119 20.07 21.62 -17.95
N GLU C 120 20.07 22.00 -16.68
CA GLU C 120 21.24 22.66 -16.11
C GLU C 120 22.29 21.61 -15.77
N GLN C 121 23.57 21.96 -15.98
CA GLN C 121 24.66 21.01 -15.78
C GLN C 121 24.71 20.62 -14.31
N SER C 122 24.95 19.32 -14.08
CA SER C 122 25.30 18.79 -12.78
C SER C 122 26.80 18.51 -12.79
N GLN C 123 27.54 19.10 -11.85
CA GLN C 123 29.00 18.90 -11.89
C GLN C 123 29.27 17.44 -11.53
N GLU C 124 28.50 16.91 -10.59
CA GLU C 124 28.65 15.50 -10.16
C GLU C 124 28.46 14.58 -11.38
N ALA C 125 27.38 14.82 -12.13
CA ALA C 125 27.09 13.96 -13.30
C ALA C 125 28.23 14.10 -14.29
N LEU C 126 28.71 15.32 -14.48
CA LEU C 126 29.83 15.55 -15.41
C LEU C 126 31.09 14.80 -14.96
N GLU C 127 31.36 14.84 -13.65
CA GLU C 127 32.53 14.18 -13.09
C GLU C 127 32.46 12.68 -13.33
N ASP C 128 31.28 12.09 -13.07
CA ASP C 128 31.10 10.66 -13.25
C ASP C 128 31.26 10.33 -14.74
N PHE C 129 30.75 11.24 -15.58
CA PHE C 129 30.77 11.04 -17.03
C PHE C 129 32.22 11.04 -17.55
N ARG C 130 33.06 11.91 -16.99
CA ARG C 130 34.49 11.88 -17.27
C ARG C 130 35.11 10.53 -16.92
N GLU C 131 34.82 10.00 -15.72
CA GLU C 131 35.42 8.73 -15.30
C GLU C 131 34.91 7.60 -16.20
N PHE C 132 33.65 7.70 -16.65
CA PHE C 132 33.08 6.69 -17.54
C PHE C 132 33.82 6.68 -18.88
N SER C 133 34.13 7.88 -19.38
CA SER C 133 34.72 8.02 -20.71
C SER C 133 36.15 7.51 -20.71
N ARG C 134 36.87 7.79 -19.62
CA ARG C 134 38.20 7.28 -19.41
C ARG C 134 38.21 5.76 -19.40
N ALA C 135 37.25 5.11 -18.74
CA ALA C 135 37.21 3.66 -18.71
C ALA C 135 37.02 3.11 -20.12
N LYS C 136 36.27 3.87 -20.95
CA LYS C 136 35.98 3.45 -22.31
C LYS C 136 37.08 3.89 -23.28
N GLY C 137 38.05 4.68 -22.81
CA GLY C 137 39.14 5.12 -23.65
C GLY C 137 38.74 6.23 -24.63
N LEU C 138 37.73 7.02 -24.25
CA LEU C 138 37.26 8.14 -25.06
C LEU C 138 38.02 9.39 -24.66
N ASN C 139 37.95 10.40 -25.54
CA ASN C 139 38.56 11.69 -25.31
C ASN C 139 37.98 12.28 -24.03
N GLN C 140 38.85 12.75 -23.13
CA GLN C 140 38.46 13.12 -21.79
C GLN C 140 38.08 14.61 -21.73
N GLU C 141 38.32 15.36 -22.81
CA GLU C 141 37.81 16.71 -22.92
C GLU C 141 36.34 16.62 -23.37
N ILE C 142 35.45 16.61 -22.37
CA ILE C 142 34.00 16.51 -22.57
C ILE C 142 33.42 17.79 -23.17
N LEU C 143 32.59 17.65 -24.21
CA LEU C 143 31.85 18.79 -24.74
C LEU C 143 30.48 18.87 -24.07
N GLU C 144 30.25 20.02 -23.42
CA GLU C 144 28.97 20.39 -22.83
C GLU C 144 28.13 21.13 -23.86
N LEU C 145 26.90 20.65 -24.12
CA LEU C 145 26.04 21.25 -25.14
C LEU C 145 25.13 22.29 -24.50
N ALA C 146 24.99 23.44 -25.17
CA ALA C 146 24.01 24.44 -24.78
C ALA C 146 22.61 23.95 -25.12
N GLN C 147 21.64 24.37 -24.31
CA GLN C 147 20.26 23.91 -24.41
C GLN C 147 19.37 25.05 -24.85
N SER C 148 18.37 24.72 -25.68
CA SER C 148 17.29 25.65 -25.97
C SER C 148 16.03 24.85 -26.29
N GLU C 149 14.88 25.30 -25.81
CA GLU C 149 13.64 24.54 -25.93
C GLU C 149 13.20 24.41 -27.39
N THR C 150 13.54 25.42 -28.20
CA THR C 150 13.22 25.45 -29.61
C THR C 150 14.50 25.80 -30.38
N CYS C 151 14.50 25.44 -31.68
CA CYS C 151 15.67 25.62 -32.51
C CYS C 151 15.46 26.82 -33.45
N SER C 152 16.33 27.82 -33.31
CA SER C 152 16.21 29.05 -34.09
C SER C 152 17.38 29.16 -35.07
N PRO C 153 17.14 28.96 -36.39
CA PRO C 153 18.21 28.98 -37.39
C PRO C 153 19.15 30.19 -37.24
CL CL D . -11.50 2.28 -19.68
#